data_7Q8K
#
_entry.id   7Q8K
#
_cell.length_a   96.11
_cell.length_b   96.11
_cell.length_c   125.57
_cell.angle_alpha   90.00
_cell.angle_beta   90.00
_cell.angle_gamma   90.00
#
_symmetry.space_group_name_H-M   'P 43 21 2'
#
loop_
_entity.id
_entity.type
_entity.pdbx_description
1 polymer 'Cathepsin L2'
2 polymer 'LLKVAL Peptide'
3 non-polymer (4S)-2-METHYL-2,4-PENTANEDIOL
4 non-polymer GLYCEROL
5 non-polymer 'CHLORIDE ION'
6 water water
#
loop_
_entity_poly.entity_id
_entity_poly.type
_entity_poly.pdbx_seq_one_letter_code
_entity_poly.pdbx_strand_id
1 'polypeptide(L)'
;LPKSVDWRKKGYVTPVKNQKQCGSSWAFSATGALEGQMFRKTGKLVSLSEQNLVDCSRPQGNQGCNGGFMARAFQYVKEN
GGLDSEESYPYVAVDEICKYRPENSVAQDTGFTVVAPGKEKALMKAVATVGPISVAMDAGHSSFQFYKSGIYFEPDCSSK
NLDHGVLVVGYGFEGANSQNSKYWLVKNSWGPEWGSNGYVKIAKDKNNHCGIATAASYPNV
;
AA,BA
2 'polypeptide(L)' LLKVAL PA,PB
#
# COMPACT_ATOMS: atom_id res chain seq x y z
N LEU A 1 -7.72 10.52 -20.35
CA LEU A 1 -7.15 9.70 -19.28
C LEU A 1 -7.60 10.19 -17.91
N PRO A 2 -7.63 9.30 -16.89
CA PRO A 2 -7.94 9.83 -15.55
C PRO A 2 -6.92 10.83 -14.99
N LYS A 3 -7.40 11.72 -14.11
CA LYS A 3 -6.56 12.74 -13.48
C LYS A 3 -5.55 12.07 -12.49
N SER A 4 -5.90 10.88 -12.01
CA SER A 4 -5.05 10.14 -11.08
C SER A 4 -5.33 8.65 -11.23
N VAL A 5 -4.31 7.82 -10.92
CA VAL A 5 -4.39 6.37 -11.00
C VAL A 5 -3.57 5.80 -9.89
N ASP A 6 -4.03 4.72 -9.27
CA ASP A 6 -3.32 4.08 -8.18
C ASP A 6 -3.69 2.62 -8.22
N TRP A 7 -2.88 1.81 -8.91
CA TRP A 7 -3.17 0.38 -9.01
C TRP A 7 -3.12 -0.36 -7.67
N ARG A 8 -2.45 0.23 -6.67
CA ARG A 8 -2.38 -0.44 -5.36
C ARG A 8 -3.78 -0.57 -4.79
N LYS A 9 -4.61 0.41 -5.08
CA LYS A 9 -5.99 0.43 -4.59
C LYS A 9 -6.93 -0.53 -5.33
N LYS A 10 -6.44 -1.20 -6.37
CA LYS A 10 -7.25 -2.13 -7.13
C LYS A 10 -6.76 -3.57 -7.00
N GLY A 11 -5.75 -3.78 -6.14
CA GLY A 11 -5.19 -5.11 -5.90
C GLY A 11 -4.12 -5.70 -6.78
N TYR A 12 -3.58 -4.88 -7.67
CA TYR A 12 -2.54 -5.28 -8.61
C TYR A 12 -1.12 -5.25 -8.08
N VAL A 13 -0.91 -4.73 -6.88
CA VAL A 13 0.45 -4.64 -6.35
C VAL A 13 0.78 -5.35 -5.06
N THR A 14 1.89 -6.13 -5.05
CA THR A 14 2.28 -6.82 -3.84
C THR A 14 2.92 -5.84 -2.84
N PRO A 15 3.04 -6.25 -1.57
CA PRO A 15 3.69 -5.39 -0.56
C PRO A 15 5.13 -5.14 -1.00
N VAL A 16 5.70 -4.03 -0.52
CA VAL A 16 7.08 -3.69 -0.89
C VAL A 16 8.08 -4.71 -0.43
N LYS A 17 9.00 -5.02 -1.33
CA LYS A 17 10.06 -5.97 -1.13
C LYS A 17 11.38 -5.26 -0.90
N ASN A 18 12.42 -6.03 -0.55
CA ASN A 18 13.73 -5.47 -0.30
C ASN A 18 14.84 -6.23 -0.98
N GLN A 19 15.47 -5.64 -1.92
CA GLN A 19 16.54 -6.25 -2.65
C GLN A 19 17.78 -6.52 -1.82
N LYS A 20 17.93 -5.81 -0.75
CA LYS A 20 19.06 -5.91 0.15
C LYS A 20 20.38 -5.67 -0.60
N GLN A 21 21.48 -6.29 -0.22
CA GLN A 21 22.73 -6.08 -0.88
C GLN A 21 22.99 -6.85 -2.13
N CYS A 22 22.20 -6.63 -3.11
CA CYS A 22 22.28 -7.27 -4.39
C CYS A 22 21.69 -6.32 -5.39
N GLY A 23 22.37 -6.10 -6.51
CA GLY A 23 21.89 -5.21 -7.52
C GLY A 23 20.89 -5.83 -8.42
N SER A 24 19.81 -6.17 -7.83
CA SER A 24 18.71 -6.81 -8.50
C SER A 24 17.46 -5.97 -8.70
N SER A 25 17.55 -4.67 -8.69
CA SER A 25 16.34 -3.88 -8.88
C SER A 25 15.60 -4.21 -10.16
N TRP A 26 16.32 -4.58 -11.17
CA TRP A 26 15.77 -4.94 -12.45
C TRP A 26 14.84 -6.14 -12.30
N ALA A 27 15.17 -7.03 -11.41
CA ALA A 27 14.33 -8.21 -11.20
C ALA A 27 13.06 -7.84 -10.47
N PHE A 28 13.19 -6.95 -9.48
CA PHE A 28 12.02 -6.52 -8.73
C PHE A 28 11.08 -5.71 -9.60
N SER A 29 11.65 -4.91 -10.49
CA SER A 29 10.80 -4.11 -11.35
C SER A 29 10.04 -5.07 -12.31
N ALA A 30 10.77 -6.09 -12.80
CA ALA A 30 10.15 -7.05 -13.70
C ALA A 30 9.06 -7.88 -13.02
N THR A 31 9.33 -8.40 -11.79
CA THR A 31 8.27 -9.19 -11.14
C THR A 31 7.10 -8.30 -10.80
N GLY A 32 7.38 -7.00 -10.48
CA GLY A 32 6.25 -6.13 -10.16
C GLY A 32 5.33 -5.97 -11.35
N ALA A 33 5.91 -5.76 -12.54
CA ALA A 33 5.07 -5.61 -13.71
C ALA A 33 4.33 -6.89 -14.04
N LEU A 34 5.00 -8.06 -13.87
CA LEU A 34 4.34 -9.32 -14.17
C LEU A 34 3.24 -9.59 -13.16
N GLU A 35 3.48 -9.20 -11.89
CA GLU A 35 2.48 -9.42 -10.87
C GLU A 35 1.22 -8.65 -11.21
N GLY A 36 1.38 -7.41 -11.70
CA GLY A 36 0.17 -6.66 -12.04
C GLY A 36 -0.54 -7.22 -13.26
N GLN A 37 0.25 -7.70 -14.26
CA GLN A 37 -0.38 -8.26 -15.46
C GLN A 37 -1.08 -9.60 -15.19
N MET A 38 -0.46 -10.45 -14.34
CA MET A 38 -1.08 -11.75 -14.04
C MET A 38 -2.37 -11.50 -13.24
N PHE A 39 -2.33 -10.44 -12.41
CA PHE A 39 -3.52 -10.11 -11.63
C PHE A 39 -4.64 -9.65 -12.56
N ARG A 40 -4.30 -8.82 -13.58
CA ARG A 40 -5.33 -8.35 -14.51
C ARG A 40 -5.92 -9.54 -15.30
N LYS A 41 -5.05 -10.51 -15.62
CA LYS A 41 -5.46 -11.69 -16.37
C LYS A 41 -6.28 -12.72 -15.60
N THR A 42 -5.89 -12.98 -14.37
CA THR A 42 -6.59 -13.96 -13.54
C THR A 42 -7.33 -13.59 -12.28
N GLY A 43 -7.11 -12.39 -11.79
CA GLY A 43 -7.78 -11.98 -10.56
C GLY A 43 -7.04 -12.48 -9.34
N LYS A 44 -5.83 -13.12 -9.49
CA LYS A 44 -5.12 -13.59 -8.32
C LYS A 44 -3.78 -12.87 -8.25
N LEU A 45 -3.45 -12.36 -7.07
CA LEU A 45 -2.19 -11.64 -6.85
C LEU A 45 -1.22 -12.62 -6.26
N VAL A 46 -0.15 -12.97 -6.99
CA VAL A 46 0.82 -13.92 -6.43
C VAL A 46 2.21 -13.35 -6.52
N SER A 47 2.91 -13.31 -5.39
CA SER A 47 4.28 -12.76 -5.38
C SER A 47 5.18 -13.67 -6.25
N LEU A 48 5.95 -13.06 -7.16
CA LEU A 48 6.85 -13.77 -8.08
C LEU A 48 8.27 -13.83 -7.63
N SER A 49 9.01 -14.77 -8.17
CA SER A 49 10.38 -14.94 -7.81
C SER A 49 11.52 -14.16 -8.41
N GLU A 50 12.00 -13.14 -7.69
CA GLU A 50 13.12 -12.38 -8.23
C GLU A 50 14.35 -13.30 -8.25
N GLN A 51 14.41 -14.24 -7.31
CA GLN A 51 15.59 -15.12 -7.30
C GLN A 51 15.63 -15.96 -8.54
N ASN A 52 14.47 -16.33 -9.05
CA ASN A 52 14.36 -17.13 -10.24
C ASN A 52 15.04 -16.33 -11.33
N LEU A 53 14.80 -15.04 -11.38
CA LEU A 53 15.42 -14.24 -12.39
C LEU A 53 16.90 -14.03 -12.20
N VAL A 54 17.31 -13.83 -10.99
CA VAL A 54 18.68 -13.63 -10.69
C VAL A 54 19.51 -14.84 -11.05
N ASP A 55 19.10 -16.01 -10.62
CA ASP A 55 19.87 -17.19 -10.93
C ASP A 55 19.81 -17.73 -12.31
N CYS A 56 18.70 -17.56 -12.97
CA CYS A 56 18.52 -18.07 -14.30
C CYS A 56 18.58 -17.30 -15.52
N SER A 57 18.60 -16.01 -15.48
CA SER A 57 18.64 -15.26 -16.70
C SER A 57 19.93 -14.79 -17.32
N ARG A 58 21.01 -15.39 -16.97
CA ARG A 58 22.29 -15.03 -17.51
C ARG A 58 22.32 -15.15 -19.03
N PRO A 59 21.77 -16.21 -19.58
CA PRO A 59 21.80 -16.33 -21.03
C PRO A 59 21.16 -15.16 -21.79
N GLN A 60 20.14 -14.55 -21.24
CA GLN A 60 19.42 -13.43 -21.80
C GLN A 60 20.17 -12.13 -21.60
N GLY A 61 21.32 -12.17 -20.95
CA GLY A 61 22.10 -10.97 -20.72
C GLY A 61 22.08 -10.29 -19.37
N ASN A 62 21.42 -10.89 -18.39
CA ASN A 62 21.36 -10.31 -17.06
C ASN A 62 22.56 -10.81 -16.30
N GLN A 63 22.94 -10.15 -15.27
CA GLN A 63 24.07 -10.53 -14.46
C GLN A 63 23.77 -10.68 -12.99
N GLY A 64 22.64 -11.15 -12.69
CA GLY A 64 22.25 -11.35 -11.32
C GLY A 64 22.40 -10.18 -10.39
N CYS A 65 23.16 -10.36 -9.33
CA CYS A 65 23.39 -9.32 -8.36
C CYS A 65 24.28 -8.22 -8.91
N ASN A 66 24.84 -8.39 -10.07
CA ASN A 66 25.67 -7.39 -10.65
C ASN A 66 24.90 -6.49 -11.59
N GLY A 67 23.63 -6.71 -11.77
CA GLY A 67 22.81 -5.89 -12.64
C GLY A 67 22.11 -6.56 -13.79
N GLY A 68 21.17 -5.89 -14.40
CA GLY A 68 20.42 -6.44 -15.51
C GLY A 68 19.35 -5.51 -16.04
N PHE A 69 18.42 -6.00 -16.81
CA PHE A 69 17.37 -5.15 -17.37
C PHE A 69 16.04 -5.85 -17.37
N MET A 70 14.95 -5.08 -17.18
CA MET A 70 13.62 -5.68 -17.16
C MET A 70 13.28 -6.34 -18.49
N ALA A 71 13.67 -5.74 -19.62
CA ALA A 71 13.35 -6.36 -20.89
C ALA A 71 14.00 -7.73 -21.03
N ARG A 72 15.23 -7.86 -20.51
CA ARG A 72 15.93 -9.14 -20.60
C ARG A 72 15.21 -10.16 -19.68
N ALA A 73 14.66 -9.66 -18.57
CA ALA A 73 13.95 -10.58 -17.70
C ALA A 73 12.67 -11.05 -18.40
N PHE A 74 11.94 -10.13 -19.07
CA PHE A 74 10.72 -10.58 -19.73
C PHE A 74 11.09 -11.57 -20.86
N GLN A 75 12.26 -11.34 -21.48
CA GLN A 75 12.70 -12.22 -22.57
C GLN A 75 12.95 -13.61 -21.99
N TYR A 76 13.56 -13.64 -20.81
CA TYR A 76 13.82 -14.93 -20.18
C TYR A 76 12.51 -15.64 -19.85
N VAL A 77 11.52 -14.90 -19.33
CA VAL A 77 10.26 -15.58 -19.00
C VAL A 77 9.61 -16.16 -20.24
N LYS A 78 9.76 -15.46 -21.35
CA LYS A 78 9.18 -15.93 -22.59
C LYS A 78 9.96 -17.14 -23.08
N GLU A 79 11.28 -17.04 -23.12
CA GLU A 79 12.08 -18.16 -23.58
C GLU A 79 11.99 -19.39 -22.74
N ASN A 80 11.87 -19.17 -21.44
CA ASN A 80 11.78 -20.20 -20.45
C ASN A 80 10.45 -20.85 -20.29
N GLY A 81 9.42 -20.18 -20.75
CA GLY A 81 8.09 -20.75 -20.63
C GLY A 81 7.42 -20.57 -19.29
N GLY A 82 8.02 -19.82 -18.39
CA GLY A 82 7.41 -19.61 -17.09
C GLY A 82 8.30 -18.94 -16.08
N LEU A 83 7.80 -18.73 -14.87
CA LEU A 83 8.53 -18.11 -13.78
C LEU A 83 7.92 -18.58 -12.49
N ASP A 84 8.72 -18.98 -11.53
CA ASP A 84 8.20 -19.45 -10.26
C ASP A 84 7.74 -18.43 -9.29
N SER A 85 6.93 -18.87 -8.35
CA SER A 85 6.40 -17.98 -7.31
C SER A 85 7.48 -17.68 -6.26
N GLU A 86 7.39 -16.55 -5.51
CA GLU A 86 8.44 -16.31 -4.52
C GLU A 86 8.40 -17.38 -3.42
N GLU A 87 7.19 -17.90 -3.11
CA GLU A 87 7.08 -18.91 -2.08
C GLU A 87 7.86 -20.16 -2.42
N SER A 88 7.78 -20.56 -3.68
CA SER A 88 8.49 -21.75 -4.14
C SER A 88 9.99 -21.58 -4.47
N TYR A 89 10.39 -20.33 -4.77
CA TYR A 89 11.78 -19.99 -5.11
C TYR A 89 12.10 -18.69 -4.40
N PRO A 90 12.34 -18.77 -3.09
CA PRO A 90 12.63 -17.59 -2.25
C PRO A 90 13.81 -16.74 -2.53
N TYR A 91 13.68 -15.43 -2.23
CA TYR A 91 14.79 -14.50 -2.46
C TYR A 91 15.82 -14.55 -1.37
N VAL A 92 17.08 -14.68 -1.75
CA VAL A 92 18.16 -14.74 -0.79
C VAL A 92 19.23 -13.69 -1.01
N ALA A 93 19.04 -12.85 -2.01
CA ALA A 93 19.98 -11.80 -2.32
C ALA A 93 21.42 -12.09 -2.63
N VAL A 94 21.66 -13.15 -3.30
N VAL A 94 21.69 -13.15 -3.28
CA VAL A 94 22.99 -13.55 -3.68
CA VAL A 94 23.01 -13.57 -3.67
C VAL A 94 22.82 -14.44 -4.88
C VAL A 94 22.87 -14.43 -4.89
N ASP A 95 23.78 -14.47 -5.76
CA ASP A 95 23.69 -15.31 -6.93
C ASP A 95 23.79 -16.76 -6.58
N GLU A 96 22.85 -17.58 -6.97
CA GLU A 96 22.88 -19.00 -6.67
C GLU A 96 22.62 -19.84 -7.91
N ILE A 97 22.61 -21.14 -7.77
CA ILE A 97 22.37 -22.01 -8.89
C ILE A 97 20.94 -21.94 -9.35
N CYS A 98 20.71 -21.95 -10.65
CA CYS A 98 19.38 -21.89 -11.16
C CYS A 98 18.60 -23.10 -10.79
N LYS A 99 17.49 -22.89 -10.18
CA LYS A 99 16.65 -23.96 -9.74
C LYS A 99 15.23 -23.80 -10.25
N TYR A 100 15.04 -23.37 -11.49
CA TYR A 100 13.71 -23.20 -11.99
C TYR A 100 12.97 -24.51 -12.05
N ARG A 101 11.76 -24.51 -11.61
CA ARG A 101 10.92 -25.68 -11.60
C ARG A 101 9.64 -25.39 -12.36
N PRO A 102 9.41 -25.96 -13.51
CA PRO A 102 8.19 -25.67 -14.23
C PRO A 102 6.93 -25.97 -13.52
N GLU A 103 6.89 -26.94 -12.69
CA GLU A 103 5.69 -27.32 -11.94
C GLU A 103 5.26 -26.23 -10.99
N ASN A 104 6.22 -25.35 -10.66
CA ASN A 104 5.97 -24.23 -9.75
C ASN A 104 5.72 -22.90 -10.42
N SER A 105 5.67 -22.91 -11.73
CA SER A 105 5.44 -21.68 -12.47
C SER A 105 4.04 -21.15 -12.22
N VAL A 106 3.96 -19.82 -12.03
CA VAL A 106 2.67 -19.16 -11.79
C VAL A 106 2.52 -17.94 -12.72
N ALA A 107 3.44 -17.78 -13.68
CA ALA A 107 3.38 -16.67 -14.62
C ALA A 107 4.04 -16.99 -15.94
N GLN A 108 3.59 -16.31 -17.02
CA GLN A 108 4.13 -16.51 -18.33
C GLN A 108 3.97 -15.21 -19.13
N ASP A 109 4.80 -15.02 -20.16
CA ASP A 109 4.72 -13.84 -21.00
C ASP A 109 5.15 -14.24 -22.41
N THR A 110 4.63 -13.55 -23.42
CA THR A 110 4.97 -13.86 -24.80
C THR A 110 5.97 -12.87 -25.35
N GLY A 111 6.48 -12.05 -24.45
CA GLY A 111 7.43 -11.02 -24.81
C GLY A 111 7.01 -9.76 -24.08
N PHE A 112 7.32 -8.61 -24.64
CA PHE A 112 6.93 -7.38 -23.95
C PHE A 112 6.70 -6.21 -24.87
N THR A 113 6.07 -5.16 -24.34
CA THR A 113 5.80 -3.96 -25.11
C THR A 113 6.63 -2.83 -24.58
N VAL A 114 7.22 -2.05 -25.48
CA VAL A 114 8.04 -0.91 -25.06
C VAL A 114 7.21 0.36 -25.20
N VAL A 115 7.28 1.24 -24.21
CA VAL A 115 6.54 2.50 -24.25
C VAL A 115 7.39 3.43 -25.12
N ALA A 116 6.78 4.33 -25.93
CA ALA A 116 7.65 5.18 -26.74
C ALA A 116 8.61 5.94 -25.85
N PRO A 117 9.90 5.80 -26.21
CA PRO A 117 10.89 6.47 -25.38
C PRO A 117 10.85 7.95 -25.21
N GLY A 118 11.09 8.31 -23.95
CA GLY A 118 11.12 9.69 -23.54
C GLY A 118 9.75 10.34 -23.55
N LYS A 119 8.67 9.58 -23.82
CA LYS A 119 7.42 10.29 -23.81
C LYS A 119 6.60 10.12 -22.55
N GLU A 120 6.58 11.14 -21.68
CA GLU A 120 5.81 11.04 -20.45
C GLU A 120 4.33 10.89 -20.76
N LYS A 121 3.88 11.47 -21.88
CA LYS A 121 2.48 11.33 -22.21
C LYS A 121 2.17 9.87 -22.56
N ALA A 122 3.13 9.21 -23.24
CA ALA A 122 2.93 7.82 -23.62
C ALA A 122 2.95 6.96 -22.35
N LEU A 123 3.81 7.35 -21.41
CA LEU A 123 3.88 6.57 -20.18
C LEU A 123 2.58 6.70 -19.40
N MET A 124 2.01 7.93 -19.37
CA MET A 124 0.75 8.12 -18.65
C MET A 124 -0.36 7.25 -19.28
N LYS A 125 -0.36 7.14 -20.62
CA LYS A 125 -1.39 6.31 -21.25
C LYS A 125 -1.20 4.86 -20.89
N ALA A 126 0.07 4.39 -20.87
CA ALA A 126 0.30 3.00 -20.52
C ALA A 126 -0.11 2.72 -19.09
N VAL A 127 0.25 3.62 -18.17
CA VAL A 127 -0.10 3.43 -16.75
C VAL A 127 -1.63 3.38 -16.60
N ALA A 128 -2.34 4.32 -17.23
CA ALA A 128 -3.80 4.32 -17.11
C ALA A 128 -4.53 3.15 -17.73
N THR A 129 -4.00 2.65 -18.84
CA THR A 129 -4.64 1.54 -19.53
C THR A 129 -4.20 0.11 -19.37
N VAL A 130 -2.95 -0.10 -18.97
CA VAL A 130 -2.39 -1.41 -18.79
C VAL A 130 -2.26 -1.91 -17.38
N GLY A 131 -1.64 -1.11 -16.52
CA GLY A 131 -1.44 -1.48 -15.13
C GLY A 131 -0.05 -0.97 -14.76
N PRO A 132 0.57 -1.49 -13.69
CA PRO A 132 1.91 -1.00 -13.33
C PRO A 132 2.90 -1.24 -14.47
N ILE A 133 3.81 -0.26 -14.65
CA ILE A 133 4.82 -0.31 -15.71
C ILE A 133 6.23 -0.31 -15.22
N SER A 134 7.05 -1.15 -15.81
CA SER A 134 8.46 -1.19 -15.40
C SER A 134 9.18 0.00 -16.03
N VAL A 135 10.03 0.67 -15.23
CA VAL A 135 10.76 1.80 -15.74
C VAL A 135 12.14 1.86 -15.14
N ALA A 136 13.05 2.51 -15.86
CA ALA A 136 14.43 2.66 -15.39
C ALA A 136 14.54 4.14 -14.99
N MET A 137 15.38 4.45 -14.01
CA MET A 137 15.53 5.84 -13.61
C MET A 137 16.91 6.06 -13.08
N ASP A 138 17.25 7.33 -12.89
CA ASP A 138 18.56 7.70 -12.36
C ASP A 138 18.31 7.87 -10.85
N ALA A 139 18.68 6.86 -10.04
CA ALA A 139 18.51 6.87 -8.58
C ALA A 139 19.84 7.14 -7.87
N GLY A 140 20.83 7.47 -8.66
CA GLY A 140 22.16 7.75 -8.12
C GLY A 140 22.48 9.04 -7.43
N HIS A 141 21.62 9.45 -6.47
CA HIS A 141 21.86 10.69 -5.75
C HIS A 141 21.48 10.49 -4.31
N SER A 142 22.19 11.19 -3.42
CA SER A 142 21.94 11.10 -1.99
C SER A 142 20.54 11.52 -1.62
N SER A 143 19.99 12.47 -2.38
CA SER A 143 18.64 12.93 -2.11
C SER A 143 17.65 11.79 -2.31
N PHE A 144 17.98 10.84 -3.23
CA PHE A 144 17.05 9.72 -3.44
C PHE A 144 17.23 8.70 -2.33
N GLN A 145 18.47 8.45 -1.97
CA GLN A 145 18.71 7.49 -0.92
C GLN A 145 18.06 7.90 0.39
N PHE A 146 18.06 9.21 0.64
CA PHE A 146 17.48 9.75 1.85
C PHE A 146 16.08 10.29 1.73
N TYR A 147 15.41 10.01 0.61
CA TYR A 147 14.05 10.50 0.43
C TYR A 147 13.08 10.03 1.49
N LYS A 148 12.21 10.94 1.98
CA LYS A 148 11.26 10.56 3.00
C LYS A 148 9.80 10.84 2.61
N SER A 149 9.52 12.01 2.00
CA SER A 149 8.15 12.34 1.61
C SER A 149 8.03 13.50 0.62
N GLY A 150 6.83 13.71 0.05
CA GLY A 150 6.64 14.79 -0.91
C GLY A 150 7.05 14.45 -2.33
N ILE A 151 6.99 15.44 -3.21
CA ILE A 151 7.36 15.20 -4.60
C ILE A 151 8.85 15.28 -4.75
N TYR A 152 9.45 14.18 -5.17
CA TYR A 152 10.89 14.19 -5.35
C TYR A 152 11.28 14.92 -6.62
N PHE A 153 12.28 15.82 -6.51
CA PHE A 153 12.76 16.57 -7.67
C PHE A 153 14.22 16.84 -7.33
N GLU A 154 15.12 16.34 -8.14
CA GLU A 154 16.54 16.48 -7.98
C GLU A 154 17.14 17.14 -9.19
N PRO A 155 17.66 18.35 -9.07
CA PRO A 155 18.22 19.02 -10.20
C PRO A 155 19.27 18.32 -10.91
N ASP A 156 20.08 17.52 -10.29
CA ASP A 156 21.13 16.81 -10.98
C ASP A 156 20.67 15.53 -11.66
N CYS A 157 19.41 15.18 -11.57
CA CYS A 157 18.91 13.97 -12.19
C CYS A 157 19.02 13.88 -13.72
N SER A 158 19.44 12.76 -14.21
CA SER A 158 19.56 12.58 -15.63
C SER A 158 18.38 11.84 -16.25
N SER A 159 18.09 12.13 -17.49
CA SER A 159 16.99 11.49 -18.20
C SER A 159 17.58 10.48 -19.12
N LYS A 160 18.88 10.45 -19.24
CA LYS A 160 19.57 9.54 -20.11
C LYS A 160 20.37 8.48 -19.47
N ASN A 161 21.10 8.81 -18.46
CA ASN A 161 21.94 7.85 -17.74
C ASN A 161 21.19 7.26 -16.58
N LEU A 162 20.64 6.06 -16.81
CA LEU A 162 19.86 5.32 -15.81
C LEU A 162 20.57 4.15 -15.14
N ASP A 163 20.28 3.95 -13.84
CA ASP A 163 20.91 2.87 -13.11
C ASP A 163 20.04 2.09 -12.16
N HIS A 164 18.71 2.24 -12.20
CA HIS A 164 17.93 1.46 -11.25
C HIS A 164 16.56 1.20 -11.81
N GLY A 165 16.04 0.00 -11.62
CA GLY A 165 14.71 -0.31 -12.14
C GLY A 165 13.70 -0.18 -11.01
N VAL A 166 12.54 0.42 -11.31
CA VAL A 166 11.44 0.63 -10.37
C VAL A 166 10.11 0.35 -11.06
N LEU A 167 9.01 0.54 -10.34
CA LEU A 167 7.72 0.28 -10.97
C LEU A 167 6.76 1.43 -10.80
N VAL A 168 6.18 1.91 -11.90
CA VAL A 168 5.22 3.01 -11.77
C VAL A 168 3.87 2.36 -11.57
N VAL A 169 3.26 2.60 -10.38
CA VAL A 169 1.96 2.03 -10.06
C VAL A 169 0.82 3.02 -10.22
N GLY A 170 1.15 4.24 -10.61
CA GLY A 170 0.08 5.23 -10.77
C GLY A 170 0.65 6.61 -10.92
N TYR A 171 -0.22 7.63 -10.84
CA TYR A 171 0.20 9.02 -10.96
C TYR A 171 -0.88 9.85 -10.29
N GLY A 172 -0.56 11.07 -10.01
CA GLY A 172 -1.53 11.93 -9.37
C GLY A 172 -1.05 13.36 -9.27
N PHE A 173 -1.63 14.10 -8.33
CA PHE A 173 -1.28 15.48 -8.13
C PHE A 173 -1.62 15.87 -6.71
N GLU A 174 -0.99 16.95 -6.27
CA GLU A 174 -1.20 17.49 -4.94
C GLU A 174 -2.19 18.65 -5.09
N GLY A 175 -2.97 18.96 -4.05
CA GLY A 175 -3.93 20.07 -4.17
C GLY A 175 -5.18 19.81 -5.00
N ALA A 176 -5.90 20.89 -5.37
CA ALA A 176 -7.13 20.77 -6.16
C ALA A 176 -6.91 20.83 -7.67
N ASN A 177 -5.83 21.47 -8.10
CA ASN A 177 -5.57 21.56 -9.53
C ASN A 177 -4.88 20.31 -10.04
N SER A 178 -5.55 19.61 -10.93
CA SER A 178 -5.02 18.38 -11.51
C SER A 178 -3.84 18.55 -12.43
N GLN A 179 -3.60 19.79 -12.86
CA GLN A 179 -2.50 20.09 -13.75
C GLN A 179 -1.21 20.65 -13.16
N ASN A 180 -1.08 20.65 -11.85
CA ASN A 180 0.15 21.17 -11.26
C ASN A 180 0.53 20.29 -10.07
N SER A 181 1.80 20.31 -9.68
CA SER A 181 2.30 19.51 -8.57
C SER A 181 2.01 18.04 -8.91
N LYS A 182 2.19 17.72 -10.17
CA LYS A 182 1.95 16.35 -10.64
C LYS A 182 3.07 15.39 -10.28
N TYR A 183 2.74 14.09 -10.14
CA TYR A 183 3.78 13.12 -9.79
C TYR A 183 3.46 11.72 -10.27
N TRP A 184 4.50 10.88 -10.32
CA TRP A 184 4.40 9.49 -10.72
C TRP A 184 4.47 8.73 -9.38
N LEU A 185 3.60 7.74 -9.15
CA LEU A 185 3.63 6.98 -7.89
C LEU A 185 4.58 5.83 -8.24
N VAL A 186 5.71 5.73 -7.55
CA VAL A 186 6.69 4.68 -7.84
C VAL A 186 6.99 3.77 -6.70
N LYS A 187 6.95 2.45 -6.95
CA LYS A 187 7.25 1.45 -5.94
C LYS A 187 8.75 1.15 -6.07
N ASN A 188 9.49 1.18 -4.97
CA ASN A 188 10.92 0.90 -4.98
C ASN A 188 11.09 -0.50 -4.39
N SER A 189 12.34 -1.01 -4.33
CA SER A 189 12.63 -2.33 -3.78
C SER A 189 13.69 -2.23 -2.69
N TRP A 190 13.58 -1.17 -1.86
CA TRP A 190 14.53 -0.94 -0.77
C TRP A 190 13.81 -1.15 0.58
N GLY A 191 12.71 -1.91 0.55
CA GLY A 191 11.95 -2.16 1.76
C GLY A 191 10.96 -1.08 2.11
N PRO A 192 9.97 -1.46 2.92
CA PRO A 192 8.89 -0.58 3.39
C PRO A 192 9.38 0.64 4.16
N GLU A 193 10.51 0.41 4.80
CA GLU A 193 11.15 1.43 5.61
C GLU A 193 11.75 2.59 4.85
N TRP A 194 12.08 2.39 3.57
CA TRP A 194 12.64 3.49 2.81
C TRP A 194 11.56 4.37 2.30
N GLY A 195 11.84 5.64 2.16
CA GLY A 195 10.84 6.55 1.66
C GLY A 195 9.52 6.58 2.35
N SER A 196 8.49 6.70 1.55
CA SER A 196 7.14 6.75 2.07
C SER A 196 6.54 5.37 1.99
N ASN A 197 6.73 4.59 3.03
CA ASN A 197 6.21 3.23 3.06
C ASN A 197 6.72 2.46 1.88
N GLY A 198 7.91 2.81 1.47
CA GLY A 198 8.55 2.14 0.33
C GLY A 198 8.34 2.68 -1.05
N TYR A 199 7.55 3.73 -1.14
CA TYR A 199 7.22 4.39 -2.39
C TYR A 199 7.79 5.79 -2.48
N VAL A 200 7.77 6.36 -3.66
CA VAL A 200 8.28 7.71 -3.85
C VAL A 200 7.43 8.40 -4.90
N LYS A 201 7.16 9.70 -4.73
CA LYS A 201 6.36 10.39 -5.72
C LYS A 201 7.41 11.10 -6.55
N ILE A 202 7.55 10.79 -7.83
CA ILE A 202 8.56 11.48 -8.63
C ILE A 202 7.87 12.58 -9.45
N ALA A 203 8.47 13.73 -9.58
CA ALA A 203 7.85 14.80 -10.35
C ALA A 203 7.48 14.37 -11.79
N LYS A 204 6.25 14.60 -12.17
CA LYS A 204 5.68 14.27 -13.46
C LYS A 204 5.51 15.46 -14.34
N ASP A 205 5.74 15.26 -15.61
CA ASP A 205 5.64 16.24 -16.66
C ASP A 205 6.56 17.41 -16.41
N LYS A 206 7.73 17.11 -15.95
CA LYS A 206 8.73 18.10 -15.67
C LYS A 206 9.91 17.65 -16.42
N ASN A 207 9.81 17.58 -17.72
CA ASN A 207 10.90 17.16 -18.58
C ASN A 207 11.40 15.75 -18.36
N ASN A 208 10.50 14.78 -18.16
CA ASN A 208 10.90 13.39 -17.95
C ASN A 208 11.96 13.31 -16.87
N HIS A 209 11.63 13.77 -15.71
CA HIS A 209 12.55 13.76 -14.61
C HIS A 209 13.10 12.39 -14.24
N CYS A 210 14.38 12.33 -14.07
CA CYS A 210 15.13 11.13 -13.72
C CYS A 210 14.99 10.01 -14.75
N GLY A 211 14.48 10.36 -15.91
CA GLY A 211 14.27 9.43 -17.00
C GLY A 211 13.21 8.38 -16.90
N ILE A 212 12.23 8.61 -16.11
CA ILE A 212 11.18 7.67 -15.93
C ILE A 212 10.53 7.19 -17.18
N ALA A 213 10.47 7.99 -18.20
CA ALA A 213 9.84 7.54 -19.41
C ALA A 213 10.78 7.16 -20.49
N THR A 214 12.04 7.13 -20.21
CA THR A 214 13.05 6.77 -21.15
C THR A 214 13.13 5.31 -21.57
N ALA A 215 12.91 4.41 -20.68
CA ALA A 215 12.98 3.01 -21.03
C ALA A 215 11.99 2.20 -20.26
N ALA A 216 10.73 2.48 -20.54
CA ALA A 216 9.63 1.80 -19.90
C ALA A 216 9.08 0.65 -20.70
N SER A 217 8.56 -0.36 -20.02
CA SER A 217 8.02 -1.53 -20.70
C SER A 217 7.13 -2.35 -19.81
N TYR A 218 6.36 -3.24 -20.44
CA TYR A 218 5.47 -4.11 -19.65
C TYR A 218 5.39 -5.47 -20.36
N PRO A 219 5.25 -6.55 -19.58
CA PRO A 219 5.16 -7.88 -20.21
C PRO A 219 3.82 -8.15 -20.87
N ASN A 220 3.79 -8.96 -21.94
CA ASN A 220 2.53 -9.28 -22.61
C ASN A 220 2.14 -10.66 -22.07
N VAL A 221 1.05 -10.74 -21.30
CA VAL A 221 0.62 -12.02 -20.74
C VAL A 221 -0.52 -12.70 -21.49
N LEU B 1 0.62 -16.43 20.82
CA LEU B 1 0.58 -15.39 19.80
C LEU B 1 1.96 -14.92 19.28
N PRO B 2 2.05 -14.47 18.01
CA PRO B 2 3.36 -14.01 17.51
C PRO B 2 3.86 -12.78 18.26
N LYS B 3 5.18 -12.61 18.34
CA LYS B 3 5.73 -11.46 19.04
C LYS B 3 5.52 -10.16 18.27
N SER B 4 5.22 -10.28 16.97
CA SER B 4 5.00 -9.07 16.17
C SER B 4 4.11 -9.44 15.00
N VAL B 5 3.31 -8.47 14.53
CA VAL B 5 2.42 -8.73 13.41
C VAL B 5 2.35 -7.44 12.62
N ASP B 6 2.29 -7.58 11.31
CA ASP B 6 2.21 -6.45 10.40
C ASP B 6 1.44 -6.89 9.17
N TRP B 7 0.13 -6.60 9.18
CA TRP B 7 -0.77 -6.95 8.07
C TRP B 7 -0.42 -6.29 6.74
N ARG B 8 0.37 -5.21 6.79
CA ARG B 8 0.75 -4.53 5.55
C ARG B 8 1.62 -5.47 4.72
N LYS B 9 2.39 -6.30 5.43
CA LYS B 9 3.28 -7.22 4.73
C LYS B 9 2.57 -8.38 4.02
N LYS B 10 1.31 -8.61 4.40
CA LYS B 10 0.50 -9.67 3.85
C LYS B 10 -0.57 -9.26 2.82
N GLY B 11 -0.56 -7.97 2.41
CA GLY B 11 -1.55 -7.51 1.43
C GLY B 11 -2.93 -7.07 1.85
N TYR B 12 -3.12 -6.91 3.15
CA TYR B 12 -4.41 -6.49 3.69
C TYR B 12 -4.66 -5.00 3.81
N VAL B 13 -3.64 -4.18 3.54
CA VAL B 13 -3.82 -2.73 3.69
C VAL B 13 -3.59 -1.85 2.52
N THR B 14 -4.57 -0.97 2.25
CA THR B 14 -4.49 -0.02 1.16
C THR B 14 -3.55 1.15 1.58
N PRO B 15 -3.18 2.00 0.63
CA PRO B 15 -2.30 3.12 0.98
C PRO B 15 -2.95 4.10 1.98
N VAL B 16 -2.10 4.89 2.66
CA VAL B 16 -2.60 5.89 3.63
C VAL B 16 -3.48 6.88 2.86
N LYS B 17 -4.65 7.22 3.45
CA LYS B 17 -5.61 8.13 2.88
C LYS B 17 -5.62 9.40 3.73
N ASN B 18 -6.37 10.41 3.32
CA ASN B 18 -6.46 11.67 4.04
C ASN B 18 -7.87 12.19 4.13
N GLN B 19 -8.40 12.25 5.31
CA GLN B 19 -9.74 12.72 5.54
C GLN B 19 -9.90 14.23 5.34
N LYS B 20 -8.84 14.94 5.41
CA LYS B 20 -8.86 16.38 5.24
C LYS B 20 -9.78 17.06 6.25
N GLN B 21 -10.38 18.15 5.94
CA GLN B 21 -11.24 18.85 6.87
C GLN B 21 -12.65 18.42 6.99
N CYS B 22 -12.80 17.23 7.41
CA CYS B 22 -14.07 16.59 7.60
C CYS B 22 -13.91 15.60 8.72
N GLY B 23 -14.81 15.56 9.67
CA GLY B 23 -14.70 14.65 10.78
C GLY B 23 -15.17 13.26 10.45
N SER B 24 -14.49 12.67 9.51
CA SER B 24 -14.80 11.36 9.06
C SER B 24 -13.83 10.23 9.37
N SER B 25 -13.05 10.33 10.40
CA SER B 25 -12.13 9.25 10.68
C SER B 25 -12.83 7.92 10.89
N TRP B 26 -14.03 7.95 11.34
CA TRP B 26 -14.82 6.78 11.56
C TRP B 26 -15.03 6.07 10.27
N ALA B 27 -15.15 6.79 9.21
CA ALA B 27 -15.35 6.16 7.93
C ALA B 27 -14.08 5.51 7.41
N PHE B 28 -12.94 6.17 7.63
CA PHE B 28 -11.66 5.63 7.19
C PHE B 28 -11.30 4.37 7.97
N SER B 29 -11.61 4.41 9.28
CA SER B 29 -11.31 3.23 10.09
C SER B 29 -12.19 2.04 9.65
N ALA B 30 -13.47 2.32 9.32
CA ALA B 30 -14.38 1.27 8.88
C ALA B 30 -13.96 0.75 7.52
N THR B 31 -13.62 1.67 6.57
CA THR B 31 -13.22 1.06 5.31
C THR B 31 -11.91 0.29 5.45
N GLY B 32 -10.96 0.72 6.31
CA GLY B 32 -9.71 -0.01 6.44
C GLY B 32 -9.97 -1.42 6.96
N ALA B 33 -10.88 -1.54 7.94
CA ALA B 33 -11.14 -2.88 8.44
C ALA B 33 -11.84 -3.75 7.43
N LEU B 34 -12.81 -3.18 6.71
CA LEU B 34 -13.55 -3.92 5.69
C LEU B 34 -12.63 -4.28 4.54
N GLU B 35 -11.64 -3.40 4.28
CA GLU B 35 -10.72 -3.67 3.20
C GLU B 35 -9.92 -4.91 3.53
N GLY B 36 -9.47 -5.01 4.80
CA GLY B 36 -8.68 -6.17 5.19
C GLY B 36 -9.51 -7.44 5.17
N GLN B 37 -10.75 -7.35 5.66
CA GLN B 37 -11.60 -8.55 5.67
C GLN B 37 -12.00 -9.05 4.27
N MET B 38 -12.31 -8.10 3.35
CA MET B 38 -12.68 -8.50 2.00
C MET B 38 -11.46 -9.15 1.33
N PHE B 39 -10.24 -8.63 1.66
CA PHE B 39 -9.03 -9.21 1.08
C PHE B 39 -8.83 -10.62 1.59
N ARG B 40 -9.08 -10.79 2.89
CA ARG B 40 -8.92 -12.12 3.49
C ARG B 40 -9.86 -13.13 2.85
N LYS B 41 -11.02 -12.65 2.48
CA LYS B 41 -12.01 -13.49 1.85
C LYS B 41 -11.86 -13.71 0.36
N THR B 42 -11.38 -12.71 -0.38
CA THR B 42 -11.25 -12.90 -1.82
C THR B 42 -9.87 -12.85 -2.46
N GLY B 43 -8.89 -12.34 -1.73
CA GLY B 43 -7.54 -12.23 -2.25
C GLY B 43 -7.40 -10.95 -3.08
N LYS B 44 -8.46 -10.11 -3.09
CA LYS B 44 -8.40 -8.88 -3.86
C LYS B 44 -8.44 -7.66 -2.93
N LEU B 45 -7.39 -6.84 -2.95
CA LEU B 45 -7.38 -5.65 -2.08
C LEU B 45 -7.96 -4.51 -2.93
N VAL B 46 -9.16 -3.98 -2.52
CA VAL B 46 -9.82 -2.90 -3.24
C VAL B 46 -10.21 -1.80 -2.29
N SER B 47 -9.72 -0.60 -2.56
CA SER B 47 -10.04 0.53 -1.71
C SER B 47 -11.54 0.81 -1.75
N LEU B 48 -12.12 1.02 -0.55
CA LEU B 48 -13.55 1.29 -0.39
C LEU B 48 -13.86 2.75 -0.24
N SER B 49 -15.11 3.06 -0.48
CA SER B 49 -15.58 4.42 -0.41
C SER B 49 -15.97 5.09 0.88
N GLU B 50 -15.10 5.92 1.43
CA GLU B 50 -15.47 6.62 2.67
C GLU B 50 -16.61 7.63 2.36
N GLN B 51 -16.62 8.20 1.12
CA GLN B 51 -17.66 9.16 0.76
C GLN B 51 -19.04 8.52 0.80
N ASN B 52 -19.12 7.24 0.42
CA ASN B 52 -20.34 6.46 0.39
C ASN B 52 -20.80 6.46 1.85
N LEU B 53 -19.90 6.18 2.76
CA LEU B 53 -20.27 6.16 4.15
C LEU B 53 -20.66 7.50 4.68
N VAL B 54 -19.96 8.52 4.32
CA VAL B 54 -20.27 9.85 4.78
C VAL B 54 -21.63 10.33 4.29
N ASP B 55 -21.91 10.15 3.02
CA ASP B 55 -23.20 10.60 2.54
C ASP B 55 -24.41 9.78 2.78
N CYS B 56 -24.26 8.49 2.90
CA CYS B 56 -25.34 7.57 3.11
C CYS B 56 -25.66 6.96 4.44
N SER B 57 -24.82 7.07 5.43
CA SER B 57 -25.16 6.43 6.68
C SER B 57 -25.84 7.14 7.80
N ARG B 58 -26.45 8.24 7.51
CA ARG B 58 -27.17 9.02 8.47
C ARG B 58 -28.30 8.17 9.09
N PRO B 59 -29.00 7.36 8.32
CA PRO B 59 -30.02 6.60 8.99
C PRO B 59 -29.53 5.74 10.11
N GLN B 60 -28.33 5.23 10.05
CA GLN B 60 -27.78 4.39 11.09
C GLN B 60 -27.19 5.17 12.26
N GLY B 61 -27.34 6.46 12.28
CA GLY B 61 -26.83 7.31 13.35
C GLY B 61 -25.50 8.01 13.14
N ASN B 62 -24.94 7.94 11.95
CA ASN B 62 -23.68 8.61 11.73
C ASN B 62 -24.00 10.03 11.37
N GLN B 63 -23.06 10.93 11.45
CA GLN B 63 -23.28 12.30 11.14
C GLN B 63 -22.33 12.92 10.10
N GLY B 64 -21.92 12.13 9.14
CA GLY B 64 -21.02 12.61 8.11
C GLY B 64 -19.79 13.28 8.59
N CYS B 65 -19.55 14.49 8.16
CA CYS B 65 -18.38 15.23 8.55
C CYS B 65 -18.45 15.68 10.00
N ASN B 66 -19.61 15.54 10.60
CA ASN B 66 -19.78 15.93 11.98
C ASN B 66 -19.43 14.79 12.93
N GLY B 67 -19.08 13.67 12.39
CA GLY B 67 -18.71 12.53 13.18
C GLY B 67 -19.53 11.28 13.05
N GLY B 68 -19.08 10.20 13.63
CA GLY B 68 -19.77 8.92 13.59
C GLY B 68 -19.04 7.79 14.26
N PHE B 69 -19.42 6.57 13.99
CA PHE B 69 -18.80 5.38 14.58
C PHE B 69 -18.62 4.25 13.58
N MET B 70 -17.51 3.49 13.72
CA MET B 70 -17.24 2.37 12.82
C MET B 70 -18.35 1.32 12.90
N ALA B 71 -18.90 1.09 14.10
CA ALA B 71 -19.96 0.09 14.17
C ALA B 71 -21.17 0.50 13.36
N ARG B 72 -21.51 1.80 13.37
CA ARG B 72 -22.67 2.26 12.61
C ARG B 72 -22.41 2.13 11.11
N ALA B 73 -21.12 2.27 10.72
CA ALA B 73 -20.76 2.16 9.31
C ALA B 73 -20.95 0.68 8.90
N PHE B 74 -20.49 -0.27 9.78
CA PHE B 74 -20.63 -1.68 9.45
C PHE B 74 -22.13 -2.02 9.38
N GLN B 75 -22.93 -1.35 10.22
CA GLN B 75 -24.37 -1.62 10.20
C GLN B 75 -24.98 -1.11 8.89
N TYR B 76 -24.50 0.05 8.41
CA TYR B 76 -25.04 0.56 7.17
C TYR B 76 -24.71 -0.38 6.02
N VAL B 77 -23.48 -0.93 6.00
CA VAL B 77 -23.13 -1.82 4.90
C VAL B 77 -24.04 -3.02 4.90
N LYS B 78 -24.35 -3.49 6.11
CA LYS B 78 -25.23 -4.64 6.21
C LYS B 78 -26.68 -4.35 5.75
N GLU B 79 -27.29 -3.29 6.28
CA GLU B 79 -28.66 -2.95 5.88
C GLU B 79 -28.76 -2.54 4.43
N ASN B 80 -27.69 -1.89 3.94
CA ASN B 80 -27.67 -1.44 2.57
C ASN B 80 -27.41 -2.52 1.55
N GLY B 81 -26.80 -3.61 2.00
CA GLY B 81 -26.51 -4.71 1.10
C GLY B 81 -25.22 -4.51 0.33
N GLY B 82 -24.48 -3.43 0.63
CA GLY B 82 -23.23 -3.21 -0.10
C GLY B 82 -22.56 -1.90 0.22
N LEU B 83 -21.37 -1.69 -0.38
CA LEU B 83 -20.54 -0.49 -0.21
C LEU B 83 -19.73 -0.36 -1.49
N ASP B 84 -19.78 0.82 -2.10
CA ASP B 84 -19.05 1.08 -3.34
C ASP B 84 -17.57 1.27 -3.21
N SER B 85 -16.87 1.02 -4.30
CA SER B 85 -15.42 1.18 -4.32
C SER B 85 -15.07 2.68 -4.31
N GLU B 86 -13.87 3.03 -3.81
CA GLU B 86 -13.50 4.43 -3.80
C GLU B 86 -13.38 4.90 -5.26
N GLU B 87 -12.95 4.02 -6.19
CA GLU B 87 -12.82 4.47 -7.57
C GLU B 87 -14.16 4.93 -8.14
N SER B 88 -15.22 4.24 -7.80
CA SER B 88 -16.53 4.64 -8.33
C SER B 88 -17.20 5.75 -7.58
N TYR B 89 -16.83 5.91 -6.33
CA TYR B 89 -17.42 6.93 -5.45
C TYR B 89 -16.35 7.66 -4.69
N PRO B 90 -15.73 8.61 -5.38
CA PRO B 90 -14.63 9.36 -4.80
C PRO B 90 -14.84 10.23 -3.61
N TYR B 91 -13.76 10.36 -2.84
CA TYR B 91 -13.78 11.17 -1.62
C TYR B 91 -13.54 12.66 -1.83
N VAL B 92 -14.49 13.50 -1.38
CA VAL B 92 -14.38 14.96 -1.52
C VAL B 92 -14.34 15.71 -0.20
N ALA B 93 -14.36 14.96 0.89
CA ALA B 93 -14.31 15.55 2.24
C ALA B 93 -15.36 16.57 2.66
N VAL B 94 -16.59 16.37 2.19
CA VAL B 94 -17.69 17.27 2.55
C VAL B 94 -18.92 16.40 2.56
N ASP B 95 -20.00 16.79 3.24
CA ASP B 95 -21.19 15.96 3.25
C ASP B 95 -21.94 16.21 1.97
N GLU B 96 -22.32 15.19 1.25
CA GLU B 96 -23.04 15.35 -0.01
C GLU B 96 -24.22 14.39 -0.09
N ILE B 97 -25.03 14.52 -1.11
CA ILE B 97 -26.16 13.66 -1.30
C ILE B 97 -25.73 12.25 -1.60
N CYS B 98 -26.41 11.27 -1.10
CA CYS B 98 -26.07 9.89 -1.33
C CYS B 98 -26.16 9.50 -2.77
N LYS B 99 -25.16 8.79 -3.25
CA LYS B 99 -25.12 8.35 -4.62
C LYS B 99 -24.79 6.88 -4.74
N TYR B 100 -25.13 6.12 -3.78
CA TYR B 100 -24.83 4.70 -3.85
C TYR B 100 -25.53 4.02 -4.99
N ARG B 101 -24.84 3.07 -5.61
CA ARG B 101 -25.33 2.28 -6.72
C ARG B 101 -24.94 0.86 -6.41
N PRO B 102 -25.87 -0.07 -6.39
CA PRO B 102 -25.54 -1.48 -6.11
C PRO B 102 -24.57 -2.08 -7.11
N GLU B 103 -24.62 -1.59 -8.37
CA GLU B 103 -23.78 -2.06 -9.45
C GLU B 103 -22.30 -1.78 -9.17
N ASN B 104 -22.07 -0.77 -8.33
CA ASN B 104 -20.71 -0.40 -7.98
C ASN B 104 -20.17 -0.99 -6.67
N SER B 105 -20.99 -1.80 -6.01
CA SER B 105 -20.56 -2.40 -4.75
C SER B 105 -19.47 -3.49 -4.91
N VAL B 106 -18.48 -3.50 -4.00
CA VAL B 106 -17.40 -4.46 -4.03
C VAL B 106 -17.21 -5.04 -2.64
N ALA B 107 -18.12 -4.71 -1.72
CA ALA B 107 -17.99 -5.24 -0.37
C ALA B 107 -19.34 -5.40 0.29
N GLN B 108 -19.38 -6.32 1.26
CA GLN B 108 -20.60 -6.61 2.01
C GLN B 108 -20.18 -7.14 3.38
N ASP B 109 -21.07 -7.01 4.37
CA ASP B 109 -20.83 -7.47 5.73
C ASP B 109 -22.19 -7.84 6.33
N THR B 110 -22.18 -8.79 7.27
CA THR B 110 -23.42 -9.23 7.91
C THR B 110 -23.58 -8.66 9.30
N GLY B 111 -22.65 -7.78 9.68
CA GLY B 111 -22.68 -7.16 10.99
C GLY B 111 -21.25 -6.98 11.42
N PHE B 112 -21.02 -6.99 12.73
CA PHE B 112 -19.66 -6.83 13.24
C PHE B 112 -19.45 -7.49 14.56
N THR B 113 -18.19 -7.69 14.89
CA THR B 113 -17.78 -8.31 16.14
C THR B 113 -17.00 -7.34 16.97
N VAL B 114 -17.35 -7.29 18.27
CA VAL B 114 -16.70 -6.42 19.24
C VAL B 114 -15.62 -7.12 20.04
N VAL B 115 -14.46 -6.47 20.19
CA VAL B 115 -13.35 -7.02 20.96
C VAL B 115 -13.72 -6.74 22.41
N ALA B 116 -13.30 -7.61 23.36
CA ALA B 116 -13.68 -7.31 24.75
C ALA B 116 -13.17 -5.95 25.17
N PRO B 117 -14.08 -5.11 25.68
CA PRO B 117 -13.59 -3.78 26.07
C PRO B 117 -12.53 -3.67 27.13
N GLY B 118 -11.56 -2.80 26.81
CA GLY B 118 -10.44 -2.53 27.70
C GLY B 118 -9.40 -3.62 27.81
N LYS B 119 -9.54 -4.71 27.05
CA LYS B 119 -8.53 -5.74 27.18
C LYS B 119 -7.52 -5.78 26.07
N GLU B 120 -6.32 -5.29 26.37
CA GLU B 120 -5.26 -5.27 25.37
C GLU B 120 -4.87 -6.68 24.91
N LYS B 121 -5.02 -7.69 25.79
CA LYS B 121 -4.65 -9.02 25.34
C LYS B 121 -5.68 -9.57 24.36
N ALA B 122 -6.95 -9.13 24.51
CA ALA B 122 -8.05 -9.56 23.64
C ALA B 122 -7.83 -8.94 22.25
N LEU B 123 -7.40 -7.67 22.28
CA LEU B 123 -7.14 -6.96 21.04
C LEU B 123 -5.95 -7.57 20.33
N MET B 124 -4.92 -7.94 21.10
CA MET B 124 -3.73 -8.55 20.50
C MET B 124 -4.13 -9.85 19.84
N LYS B 125 -5.05 -10.59 20.47
CA LYS B 125 -5.47 -11.84 19.88
C LYS B 125 -6.27 -11.57 18.61
N ALA B 126 -7.11 -10.52 18.63
CA ALA B 126 -7.90 -10.21 17.45
C ALA B 126 -7.00 -9.79 16.27
N VAL B 127 -5.98 -8.96 16.56
CA VAL B 127 -5.06 -8.51 15.52
C VAL B 127 -4.30 -9.68 14.92
N ALA B 128 -3.80 -10.57 15.78
CA ALA B 128 -3.07 -11.69 15.23
C ALA B 128 -3.90 -12.70 14.45
N THR B 129 -5.19 -12.83 14.77
CA THR B 129 -5.99 -13.81 14.05
C THR B 129 -7.00 -13.45 13.00
N VAL B 130 -7.49 -12.20 13.03
CA VAL B 130 -8.47 -11.71 12.10
C VAL B 130 -7.95 -10.83 11.00
N GLY B 131 -7.09 -9.90 11.40
CA GLY B 131 -6.49 -8.93 10.48
C GLY B 131 -6.59 -7.53 11.09
N PRO B 132 -6.55 -6.47 10.25
CA PRO B 132 -6.65 -5.11 10.85
C PRO B 132 -7.95 -4.92 11.62
N ILE B 133 -7.90 -4.19 12.75
CA ILE B 133 -9.06 -3.95 13.58
C ILE B 133 -9.37 -2.50 13.77
N SER B 134 -10.65 -2.16 13.66
CA SER B 134 -10.99 -0.76 13.85
C SER B 134 -10.95 -0.47 15.35
N VAL B 135 -10.43 0.69 15.73
CA VAL B 135 -10.33 1.13 17.13
C VAL B 135 -10.56 2.62 17.26
N ALA B 136 -10.97 3.05 18.46
CA ALA B 136 -11.22 4.45 18.73
C ALA B 136 -10.07 4.82 19.70
N MET B 137 -9.62 6.06 19.67
CA MET B 137 -8.53 6.51 20.55
C MET B 137 -8.71 7.96 20.94
N ASP B 138 -7.93 8.38 21.92
CA ASP B 138 -7.99 9.77 22.37
C ASP B 138 -6.85 10.47 21.61
N ALA B 139 -7.19 11.17 20.51
CA ALA B 139 -6.18 11.88 19.71
C ALA B 139 -6.24 13.38 20.02
N GLY B 140 -6.92 13.73 21.12
CA GLY B 140 -7.06 15.12 21.52
C GLY B 140 -5.96 15.90 22.17
N HIS B 141 -4.73 15.62 21.81
CA HIS B 141 -3.61 16.34 22.41
C HIS B 141 -2.71 16.85 21.33
N SER B 142 -2.04 17.98 21.60
CA SER B 142 -1.15 18.56 20.60
C SER B 142 -0.04 17.63 20.18
N SER B 143 0.42 16.79 21.11
CA SER B 143 1.50 15.86 20.80
C SER B 143 1.13 14.91 19.69
N PHE B 144 -0.17 14.62 19.55
CA PHE B 144 -0.56 13.71 18.48
C PHE B 144 -0.52 14.42 17.12
N GLN B 145 -0.95 15.71 17.07
CA GLN B 145 -0.92 16.43 15.81
C GLN B 145 0.50 16.57 15.31
N PHE B 146 1.43 16.72 16.23
CA PHE B 146 2.82 16.87 15.90
C PHE B 146 3.70 15.63 15.94
N TYR B 147 3.10 14.47 16.17
CA TYR B 147 3.88 13.24 16.22
C TYR B 147 4.64 12.96 14.92
N LYS B 148 5.90 12.48 15.04
CA LYS B 148 6.71 12.18 13.86
C LYS B 148 7.28 10.78 13.89
N SER B 149 7.76 10.34 15.07
CA SER B 149 8.33 9.00 15.16
C SER B 149 8.45 8.47 16.56
N GLY B 150 8.77 7.17 16.62
CA GLY B 150 8.95 6.47 17.87
C GLY B 150 7.66 6.02 18.49
N ILE B 151 7.76 5.56 19.73
CA ILE B 151 6.56 5.12 20.41
C ILE B 151 5.86 6.29 21.03
N TYR B 152 4.61 6.46 20.63
CA TYR B 152 3.84 7.55 21.15
C TYR B 152 3.32 7.26 22.53
N PHE B 153 3.55 8.17 23.46
CA PHE B 153 3.12 8.08 24.85
C PHE B 153 2.77 9.47 25.30
N GLU B 154 1.52 9.74 25.58
CA GLU B 154 1.07 11.03 26.03
C GLU B 154 0.55 10.86 27.44
N PRO B 155 1.19 11.47 28.43
CA PRO B 155 0.71 11.31 29.79
C PRO B 155 -0.69 11.71 30.03
N ASP B 156 -1.20 12.67 29.34
CA ASP B 156 -2.57 13.10 29.52
C ASP B 156 -3.59 12.31 28.70
N CYS B 157 -3.18 11.27 28.02
CA CYS B 157 -4.07 10.45 27.22
C CYS B 157 -5.11 9.72 28.06
N SER B 158 -6.31 9.70 27.60
CA SER B 158 -7.36 9.04 28.30
C SER B 158 -7.73 7.70 27.67
N SER B 159 -8.05 6.70 28.48
CA SER B 159 -8.43 5.40 28.02
C SER B 159 -9.90 5.34 27.87
N LYS B 160 -10.58 6.40 28.22
CA LYS B 160 -11.99 6.41 28.12
C LYS B 160 -12.66 7.45 27.28
N ASN B 161 -12.18 8.67 27.26
CA ASN B 161 -12.83 9.67 26.43
C ASN B 161 -12.16 9.65 25.11
N LEU B 162 -12.72 8.95 24.15
CA LEU B 162 -12.16 8.83 22.80
C LEU B 162 -12.81 9.74 21.76
N ASP B 163 -12.03 10.17 20.75
CA ASP B 163 -12.63 11.05 19.76
C ASP B 163 -12.14 10.84 18.36
N HIS B 164 -11.37 9.78 18.13
CA HIS B 164 -10.86 9.56 16.76
C HIS B 164 -10.77 8.09 16.43
N GLY B 165 -11.21 7.72 15.21
CA GLY B 165 -11.17 6.32 14.80
C GLY B 165 -9.93 6.07 13.97
N VAL B 166 -9.22 4.97 14.25
CA VAL B 166 -8.01 4.61 13.53
C VAL B 166 -8.02 3.11 13.26
N LEU B 167 -6.98 2.60 12.62
CA LEU B 167 -6.95 1.18 12.33
C LEU B 167 -5.70 0.50 12.85
N VAL B 168 -5.86 -0.57 13.66
CA VAL B 168 -4.65 -1.24 14.15
C VAL B 168 -4.28 -2.27 13.11
N VAL B 169 -3.10 -2.12 12.47
CA VAL B 169 -2.62 -3.05 11.44
C VAL B 169 -1.59 -4.04 11.93
N GLY B 170 -1.27 -3.98 13.22
CA GLY B 170 -0.29 -4.89 13.81
C GLY B 170 0.20 -4.45 15.17
N TYR B 171 1.32 -5.06 15.61
CA TYR B 171 1.93 -4.73 16.90
C TYR B 171 3.35 -5.24 16.88
N GLY B 172 4.16 -4.75 17.80
CA GLY B 172 5.55 -5.19 17.87
C GLY B 172 6.26 -4.61 19.06
N PHE B 173 7.60 -4.52 18.98
CA PHE B 173 8.39 -3.98 20.06
C PHE B 173 9.64 -3.42 19.47
N GLU B 174 10.22 -2.45 20.15
CA GLU B 174 11.44 -1.80 19.71
C GLU B 174 12.50 -2.44 20.52
N GLY B 175 13.72 -2.49 20.04
CA GLY B 175 14.76 -3.11 20.83
C GLY B 175 14.80 -4.61 20.69
N ALA B 176 15.60 -5.25 21.51
CA ALA B 176 15.61 -6.68 21.35
C ALA B 176 14.83 -7.47 22.35
N ASN B 177 14.19 -6.77 23.27
CA ASN B 177 13.42 -7.46 24.26
C ASN B 177 11.99 -7.43 23.82
N SER B 178 11.45 -8.56 23.38
CA SER B 178 10.09 -8.71 22.93
C SER B 178 9.03 -8.34 23.97
N GLN B 179 9.39 -8.24 25.18
N GLN B 179 9.39 -8.27 25.18
CA GLN B 179 8.43 -7.87 26.19
CA GLN B 179 8.43 -7.92 26.20
C GLN B 179 8.65 -6.45 26.64
C GLN B 179 8.65 -6.50 26.67
N ASN B 180 9.48 -5.71 25.96
CA ASN B 180 9.66 -4.36 26.42
C ASN B 180 9.53 -3.38 25.32
N SER B 181 9.02 -2.23 25.58
CA SER B 181 8.87 -1.26 24.52
C SER B 181 7.95 -1.72 23.41
N LYS B 182 6.84 -2.27 23.82
CA LYS B 182 5.84 -2.77 22.88
C LYS B 182 4.96 -1.67 22.34
N TYR B 183 4.39 -1.89 21.16
CA TYR B 183 3.52 -0.88 20.58
C TYR B 183 2.54 -1.46 19.63
N TRP B 184 1.51 -0.67 19.35
CA TRP B 184 0.45 -1.05 18.44
C TRP B 184 0.81 -0.31 17.16
N LEU B 185 0.69 -0.95 16.00
CA LEU B 185 1.01 -0.33 14.71
C LEU B 185 -0.33 0.20 14.24
N VAL B 186 -0.47 1.53 14.16
CA VAL B 186 -1.72 2.17 13.74
C VAL B 186 -1.70 3.04 12.50
N LYS B 187 -2.62 2.77 11.59
CA LYS B 187 -2.74 3.52 10.35
C LYS B 187 -3.69 4.67 10.65
N ASN B 188 -3.26 5.89 10.36
CA ASN B 188 -4.10 7.07 10.61
C ASN B 188 -4.71 7.52 9.28
N SER B 189 -5.60 8.53 9.27
CA SER B 189 -6.18 8.99 8.01
C SER B 189 -5.94 10.49 7.86
N TRP B 190 -4.72 10.94 8.14
CA TRP B 190 -4.33 12.34 8.04
C TRP B 190 -3.30 12.51 6.93
N GLY B 191 -3.26 11.56 5.99
CA GLY B 191 -2.31 11.63 4.89
C GLY B 191 -0.95 11.07 5.25
N PRO B 192 -0.14 10.75 4.21
CA PRO B 192 1.20 10.20 4.43
C PRO B 192 2.21 11.21 5.01
N GLU B 193 1.86 12.51 4.95
CA GLU B 193 2.74 13.56 5.47
C GLU B 193 2.68 13.69 7.00
N TRP B 194 1.66 13.11 7.63
CA TRP B 194 1.54 13.17 9.09
C TRP B 194 2.24 11.96 9.72
N GLY B 195 2.80 12.12 10.94
CA GLY B 195 3.47 11.03 11.61
C GLY B 195 4.56 10.32 10.86
N SER B 196 4.58 9.01 11.01
CA SER B 196 5.59 8.22 10.33
C SER B 196 4.98 7.68 9.06
N ASN B 197 5.04 8.50 8.01
CA ASN B 197 4.50 8.16 6.68
C ASN B 197 3.04 7.76 6.84
N GLY B 198 2.35 8.51 7.75
CA GLY B 198 0.94 8.25 8.00
C GLY B 198 0.56 7.27 9.07
N TYR B 199 1.56 6.63 9.65
CA TYR B 199 1.34 5.66 10.72
C TYR B 199 1.88 6.17 12.05
N VAL B 200 1.47 5.51 13.10
CA VAL B 200 1.92 5.87 14.44
C VAL B 200 2.04 4.59 15.25
N LYS B 201 3.10 4.53 16.10
CA LYS B 201 3.36 3.38 16.95
C LYS B 201 2.78 3.86 18.30
N ILE B 202 1.76 3.19 18.83
CA ILE B 202 1.22 3.66 20.11
C ILE B 202 1.63 2.71 21.24
N ALA B 203 2.02 3.25 22.40
CA ALA B 203 2.43 2.38 23.50
C ALA B 203 1.44 1.23 23.73
N LYS B 204 1.98 -0.01 23.75
CA LYS B 204 1.20 -1.22 23.95
C LYS B 204 1.47 -1.79 25.34
N ASP B 205 0.43 -2.36 25.93
CA ASP B 205 0.47 -2.96 27.25
C ASP B 205 0.96 -2.00 28.33
N LYS B 206 0.49 -0.74 28.23
CA LYS B 206 0.83 0.33 29.16
C LYS B 206 -0.52 0.89 29.59
N ASN B 207 -1.30 0.04 30.17
CA ASN B 207 -2.61 0.35 30.66
C ASN B 207 -3.60 0.82 29.61
N ASN B 208 -3.67 0.19 28.43
CA ASN B 208 -4.60 0.61 27.41
C ASN B 208 -4.44 2.09 27.12
N HIS B 209 -3.23 2.49 26.77
CA HIS B 209 -2.93 3.88 26.47
C HIS B 209 -3.74 4.43 25.38
N CYS B 210 -4.28 5.60 25.57
CA CYS B 210 -5.11 6.33 24.67
C CYS B 210 -6.36 5.61 24.33
N GLY B 211 -6.62 4.55 25.04
CA GLY B 211 -7.81 3.76 24.83
C GLY B 211 -7.96 2.88 23.63
N ILE B 212 -6.87 2.45 23.04
CA ILE B 212 -6.91 1.61 21.86
C ILE B 212 -7.74 0.39 22.00
N ALA B 213 -7.78 -0.17 23.15
CA ALA B 213 -8.56 -1.36 23.35
C ALA B 213 -9.93 -1.16 23.94
N THR B 214 -10.32 0.06 24.15
CA THR B 214 -11.65 0.34 24.71
C THR B 214 -12.90 0.05 23.84
N ALA B 215 -12.83 0.36 22.54
CA ALA B 215 -13.97 0.12 21.67
C ALA B 215 -13.50 -0.32 20.30
N ALA B 216 -12.91 -1.51 20.26
CA ALA B 216 -12.41 -2.08 19.01
C ALA B 216 -13.41 -3.03 18.37
N SER B 217 -13.40 -3.10 17.04
CA SER B 217 -14.33 -3.99 16.39
C SER B 217 -13.88 -4.29 14.96
N TYR B 218 -14.53 -5.27 14.32
CA TYR B 218 -14.18 -5.62 12.95
C TYR B 218 -15.42 -6.18 12.25
N PRO B 219 -15.63 -5.81 10.99
CA PRO B 219 -16.80 -6.32 10.24
C PRO B 219 -16.80 -7.82 9.95
N ASN B 220 -17.98 -8.49 9.90
CA ASN B 220 -18.03 -9.91 9.61
C ASN B 220 -18.38 -10.03 8.13
N VAL B 221 -17.50 -10.64 7.34
CA VAL B 221 -17.79 -10.76 5.93
C VAL B 221 -18.43 -12.12 5.56
N LEU C 1 23.79 -1.41 -17.19
CA LEU C 1 22.98 -2.34 -16.39
C LEU C 1 22.29 -1.65 -15.22
N LEU C 2 21.07 -2.07 -14.87
CA LEU C 2 20.40 -1.44 -13.73
C LEU C 2 20.71 -2.29 -12.53
N LYS C 3 20.96 -1.66 -11.39
CA LYS C 3 21.28 -2.44 -10.22
C LYS C 3 20.07 -2.29 -9.41
N LEU D 1 -19.26 10.93 19.36
CA LEU D 1 -19.00 10.75 17.94
C LEU D 1 -17.49 10.83 17.70
N LEU D 2 -16.93 10.01 16.80
CA LEU D 2 -15.49 10.10 16.57
C LEU D 2 -15.39 11.00 15.34
N LYS D 3 -14.39 11.85 15.33
CA LYS D 3 -14.23 12.75 14.20
C LYS D 3 -13.05 12.25 13.43
#